data_4RP6
# 
_entry.id   4RP6 
# 
_audit_conform.dict_name       mmcif_pdbx.dic 
_audit_conform.dict_version    5.387 
_audit_conform.dict_location   http://mmcif.pdb.org/dictionaries/ascii/mmcif_pdbx.dic 
# 
loop_
_database_2.database_id 
_database_2.database_code 
_database_2.pdbx_database_accession 
_database_2.pdbx_DOI 
RCSB  RCSB087623   ?            ?                   
PDB   4RP6         pdb_00004rp6 10.2210/pdb4rp6/pdb 
WWPDB D_1000087623 ?            ?                   
# 
loop_
_pdbx_audit_revision_history.ordinal 
_pdbx_audit_revision_history.data_content_type 
_pdbx_audit_revision_history.major_revision 
_pdbx_audit_revision_history.minor_revision 
_pdbx_audit_revision_history.revision_date 
1 'Structure model' 1 0 2016-01-13 
2 'Structure model' 1 1 2016-01-27 
3 'Structure model' 1 2 2024-02-28 
# 
_pdbx_audit_revision_details.ordinal             1 
_pdbx_audit_revision_details.revision_ordinal    1 
_pdbx_audit_revision_details.data_content_type   'Structure model' 
_pdbx_audit_revision_details.provider            repository 
_pdbx_audit_revision_details.type                'Initial release' 
_pdbx_audit_revision_details.description         ? 
_pdbx_audit_revision_details.details             ? 
# 
loop_
_pdbx_audit_revision_group.ordinal 
_pdbx_audit_revision_group.revision_ordinal 
_pdbx_audit_revision_group.data_content_type 
_pdbx_audit_revision_group.group 
1 2 'Structure model' 'Database references' 
2 3 'Structure model' 'Data collection'     
3 3 'Structure model' 'Database references' 
# 
loop_
_pdbx_audit_revision_category.ordinal 
_pdbx_audit_revision_category.revision_ordinal 
_pdbx_audit_revision_category.data_content_type 
_pdbx_audit_revision_category.category 
1 3 'Structure model' chem_comp_atom 
2 3 'Structure model' chem_comp_bond 
3 3 'Structure model' database_2     
# 
loop_
_pdbx_audit_revision_item.ordinal 
_pdbx_audit_revision_item.revision_ordinal 
_pdbx_audit_revision_item.data_content_type 
_pdbx_audit_revision_item.item 
1 3 'Structure model' '_database_2.pdbx_DOI'                
2 3 'Structure model' '_database_2.pdbx_database_accession' 
# 
_pdbx_database_status.status_code                     REL 
_pdbx_database_status.entry_id                        4RP6 
_pdbx_database_status.recvd_initial_deposition_date   2014-10-29 
_pdbx_database_status.deposit_site                    RCSB 
_pdbx_database_status.process_site                    RCSB 
_pdbx_database_status.status_code_sf                  REL 
_pdbx_database_status.status_code_mr                  ? 
_pdbx_database_status.SG_entry                        ? 
_pdbx_database_status.status_code_cs                  ? 
_pdbx_database_status.methods_development_category    ? 
_pdbx_database_status.pdb_format_compatible           Y 
_pdbx_database_status.status_code_nmr_data            ? 
# 
_pdbx_database_related.db_name        PDB 
_pdbx_database_related.db_id          4RP7 
_pdbx_database_related.details        . 
_pdbx_database_related.content_type   unspecified 
# 
loop_
_audit_author.name 
_audit_author.pdbx_ordinal 
'Soriaga, A.B.' 1 
'Soragni, A.'   2 
'Eisenberg, D.' 3 
# 
_citation.id                        primary 
_citation.title                     'A Designed Inhibitor of p53 Aggregation Rescues p53 Tumor Suppression in Ovarian Carcinomas.' 
_citation.journal_abbrev            'Cancer Cell' 
_citation.journal_volume            29 
_citation.page_first                90 
_citation.page_last                 103 
_citation.year                      2016 
_citation.journal_id_ASTM           ? 
_citation.country                   US 
_citation.journal_id_ISSN           1535-6108 
_citation.journal_id_CSD            ? 
_citation.book_publisher            ? 
_citation.pdbx_database_id_PubMed   26748848 
_citation.pdbx_database_id_DOI      10.1016/j.ccell.2015.12.002 
# 
loop_
_citation_author.citation_id 
_citation_author.name 
_citation_author.ordinal 
_citation_author.identifier_ORCID 
primary 'Soragni, A.'           1  ? 
primary 'Janzen, D.M.'          2  ? 
primary 'Johnson, L.M.'         3  ? 
primary 'Lindgren, A.G.'        4  ? 
primary 'Thai-Quynh Nguyen, A.' 5  ? 
primary 'Tiourin, E.'           6  ? 
primary 'Soriaga, A.B.'         7  ? 
primary 'Lu, J.'                8  ? 
primary 'Jiang, L.'             9  ? 
primary 'Faull, K.F.'           10 ? 
primary 'Pellegrini, M.'        11 ? 
primary 'Memarzadeh, S.'        12 ? 
primary 'Eisenberg, D.S.'       13 ? 
# 
loop_
_entity.id 
_entity.type 
_entity.src_method 
_entity.pdbx_description 
_entity.formula_weight 
_entity.pdbx_number_of_molecules 
_entity.pdbx_ec 
_entity.pdbx_mutation 
_entity.pdbx_fragment 
_entity.details 
1 polymer syn 'LTIITLE heptapeptide segment from p53' 801.968 1 ? ? 'UNP residues 252-258' 'Cellular tumor antigen p53' 
2 water   nat water                                   18.015  2 ? ? ?                      ?                            
# 
_entity_name_com.entity_id   1 
_entity_name_com.name        'Antigen NY-CO-13, Phosphoprotein p53, Tumor suppressor p53' 
# 
_entity_poly.entity_id                      1 
_entity_poly.type                           'polypeptide(L)' 
_entity_poly.nstd_linkage                   no 
_entity_poly.nstd_monomer                   no 
_entity_poly.pdbx_seq_one_letter_code       LTIITLE 
_entity_poly.pdbx_seq_one_letter_code_can   LTIITLE 
_entity_poly.pdbx_strand_id                 Z 
_entity_poly.pdbx_target_identifier         ? 
# 
_pdbx_entity_nonpoly.entity_id   2 
_pdbx_entity_nonpoly.name        water 
_pdbx_entity_nonpoly.comp_id     HOH 
# 
loop_
_entity_poly_seq.entity_id 
_entity_poly_seq.num 
_entity_poly_seq.mon_id 
_entity_poly_seq.hetero 
1 1 LEU n 
1 2 THR n 
1 3 ILE n 
1 4 ILE n 
1 5 THR n 
1 6 LEU n 
1 7 GLU n 
# 
_pdbx_entity_src_syn.entity_id              1 
_pdbx_entity_src_syn.pdbx_src_id            1 
_pdbx_entity_src_syn.pdbx_alt_source_flag   sample 
_pdbx_entity_src_syn.pdbx_beg_seq_num       ? 
_pdbx_entity_src_syn.pdbx_end_seq_num       ? 
_pdbx_entity_src_syn.organism_scientific    'Homo sapiens' 
_pdbx_entity_src_syn.organism_common_name   human 
_pdbx_entity_src_syn.ncbi_taxonomy_id       9606 
_pdbx_entity_src_syn.details                'LTIITLE(residues 252-258) from p53, synthesized' 
# 
loop_
_chem_comp.id 
_chem_comp.type 
_chem_comp.mon_nstd_flag 
_chem_comp.name 
_chem_comp.pdbx_synonyms 
_chem_comp.formula 
_chem_comp.formula_weight 
GLU 'L-peptide linking' y 'GLUTAMIC ACID' ? 'C5 H9 N O4'  147.129 
HOH non-polymer         . WATER           ? 'H2 O'        18.015  
ILE 'L-peptide linking' y ISOLEUCINE      ? 'C6 H13 N O2' 131.173 
LEU 'L-peptide linking' y LEUCINE         ? 'C6 H13 N O2' 131.173 
THR 'L-peptide linking' y THREONINE       ? 'C4 H9 N O3'  119.119 
# 
loop_
_pdbx_poly_seq_scheme.asym_id 
_pdbx_poly_seq_scheme.entity_id 
_pdbx_poly_seq_scheme.seq_id 
_pdbx_poly_seq_scheme.mon_id 
_pdbx_poly_seq_scheme.ndb_seq_num 
_pdbx_poly_seq_scheme.pdb_seq_num 
_pdbx_poly_seq_scheme.auth_seq_num 
_pdbx_poly_seq_scheme.pdb_mon_id 
_pdbx_poly_seq_scheme.auth_mon_id 
_pdbx_poly_seq_scheme.pdb_strand_id 
_pdbx_poly_seq_scheme.pdb_ins_code 
_pdbx_poly_seq_scheme.hetero 
A 1 1 LEU 1 1 1 LEU LEU Z . n 
A 1 2 THR 2 2 2 THR THR Z . n 
A 1 3 ILE 3 3 3 ILE ILE Z . n 
A 1 4 ILE 4 4 4 ILE ILE Z . n 
A 1 5 THR 5 5 5 THR THR Z . n 
A 1 6 LEU 6 6 6 LEU LEU Z . n 
A 1 7 GLU 7 7 7 GLU GLU Z . n 
# 
loop_
_pdbx_nonpoly_scheme.asym_id 
_pdbx_nonpoly_scheme.entity_id 
_pdbx_nonpoly_scheme.mon_id 
_pdbx_nonpoly_scheme.ndb_seq_num 
_pdbx_nonpoly_scheme.pdb_seq_num 
_pdbx_nonpoly_scheme.auth_seq_num 
_pdbx_nonpoly_scheme.pdb_mon_id 
_pdbx_nonpoly_scheme.auth_mon_id 
_pdbx_nonpoly_scheme.pdb_strand_id 
_pdbx_nonpoly_scheme.pdb_ins_code 
B 2 HOH 1 101 1 HOH HOH Z . 
B 2 HOH 2 102 2 HOH HOH Z . 
# 
loop_
_software.name 
_software.classification 
_software.version 
_software.citation_id 
_software.pdbx_ordinal 
ADSC      'data collection' Quantum                      ? 1 
PHASER    phasing           .                            ? 2 
PHENIX    refinement        '(phenix.refine: 1.7.3_928)' ? 3 
DENZO     'data reduction'  .                            ? 4 
SCALEPACK 'data scaling'    .                            ? 5 
# 
_cell.entry_id           4RP6 
_cell.length_a           4.811 
_cell.length_b           12.599 
_cell.length_c           21.340 
_cell.angle_alpha        86.59 
_cell.angle_beta         89.29 
_cell.angle_gamma        79.15 
_cell.Z_PDB              1 
_cell.pdbx_unique_axis   ? 
_cell.length_a_esd       ? 
_cell.length_b_esd       ? 
_cell.length_c_esd       ? 
_cell.angle_alpha_esd    ? 
_cell.angle_beta_esd     ? 
_cell.angle_gamma_esd    ? 
# 
_symmetry.entry_id                         4RP6 
_symmetry.space_group_name_H-M             'P 1' 
_symmetry.pdbx_full_space_group_name_H-M   ? 
_symmetry.cell_setting                     ? 
_symmetry.Int_Tables_number                1 
_symmetry.space_group_name_Hall            ? 
# 
_exptl.entry_id          4RP6 
_exptl.method            'X-RAY DIFFRACTION' 
_exptl.crystals_number   1 
# 
_exptl_crystal.id                    1 
_exptl_crystal.density_meas          ? 
_exptl_crystal.density_Matthews      1.58 
_exptl_crystal.density_percent_sol   22.21 
_exptl_crystal.description           ? 
_exptl_crystal.F_000                 ? 
_exptl_crystal.preparation           ? 
# 
_exptl_crystal_grow.crystal_id      1 
_exptl_crystal_grow.method          'VAPOR DIFFUSION, HANGING DROP' 
_exptl_crystal_grow.temp            291 
_exptl_crystal_grow.temp_details    ? 
_exptl_crystal_grow.pH              8.5 
_exptl_crystal_grow.pdbx_details    
'reservoir contained 0.1 M Tris buffer pH 8.5 and 20% ethanol, VAPOR DIFFUSION, HANGING DROP, temperature 291K' 
_exptl_crystal_grow.pdbx_pH_range   ? 
# 
_diffrn.id                     1 
_diffrn.ambient_temp           100 
_diffrn.ambient_temp_details   ? 
_diffrn.crystal_id             1 
# 
_diffrn_detector.diffrn_id              1 
_diffrn_detector.detector               CCD 
_diffrn_detector.type                   'ADSC QUANTUM 315' 
_diffrn_detector.pdbx_collection_date   2012-02-12 
_diffrn_detector.details                ? 
# 
_diffrn_radiation.diffrn_id                        1 
_diffrn_radiation.wavelength_id                    1 
_diffrn_radiation.pdbx_monochromatic_or_laue_m_l   M 
_diffrn_radiation.monochromator                    ? 
_diffrn_radiation.pdbx_diffrn_protocol             'SINGLE WAVELENGTH' 
_diffrn_radiation.pdbx_scattering_type             x-ray 
# 
_diffrn_radiation_wavelength.id           1 
_diffrn_radiation_wavelength.wavelength   0.9792 
_diffrn_radiation_wavelength.wt           1.0 
# 
_diffrn_source.diffrn_id                   1 
_diffrn_source.source                      SYNCHROTRON 
_diffrn_source.type                        'APS BEAMLINE 24-ID-E' 
_diffrn_source.pdbx_synchrotron_site       APS 
_diffrn_source.pdbx_synchrotron_beamline   24-ID-E 
_diffrn_source.pdbx_wavelength             ? 
_diffrn_source.pdbx_wavelength_list        0.9792 
# 
_reflns.entry_id                     4RP6 
_reflns.observed_criterion_sigma_I   -3.0 
_reflns.observed_criterion_sigma_F   ? 
_reflns.d_resolution_low             21.302 
_reflns.d_resolution_high            1.703 
_reflns.number_obs                   512 
_reflns.number_all                   512 
_reflns.percent_possible_obs         97.0 
_reflns.pdbx_Rmerge_I_obs            0.096 
_reflns.pdbx_Rsym_value              ? 
_reflns.pdbx_netI_over_sigmaI        10.6 
_reflns.B_iso_Wilson_estimate        ? 
_reflns.pdbx_redundancy              3.1 
_reflns.R_free_details               ? 
_reflns.limit_h_max                  ? 
_reflns.limit_h_min                  ? 
_reflns.limit_k_max                  ? 
_reflns.limit_k_min                  ? 
_reflns.limit_l_max                  ? 
_reflns.limit_l_min                  ? 
_reflns.observed_criterion_F_max     ? 
_reflns.observed_criterion_F_min     ? 
_reflns.pdbx_chi_squared             ? 
_reflns.pdbx_scaling_rejects         ? 
_reflns.pdbx_ordinal                 1 
_reflns.pdbx_diffrn_id               1 
# 
_reflns_shell.d_res_high             1.72 
_reflns_shell.d_res_low              1.78 
_reflns_shell.percent_possible_all   91.4 
_reflns_shell.Rmerge_I_obs           0.505 
_reflns_shell.pdbx_Rsym_value        ? 
_reflns_shell.meanI_over_sigI_obs    11.6 
_reflns_shell.pdbx_redundancy        2.6 
_reflns_shell.percent_possible_obs   ? 
_reflns_shell.number_unique_all      ? 
_reflns_shell.number_measured_all    ? 
_reflns_shell.number_measured_obs    ? 
_reflns_shell.number_unique_obs      ? 
_reflns_shell.pdbx_chi_squared       ? 
_reflns_shell.pdbx_ordinal           1 
_reflns_shell.pdbx_diffrn_id         1 
# 
_refine.entry_id                                 4RP6 
_refine.ls_number_reflns_obs                     507 
_refine.ls_number_reflns_all                     507 
_refine.pdbx_ls_sigma_I                          ? 
_refine.pdbx_ls_sigma_F                          2.14 
_refine.pdbx_data_cutoff_high_absF               ? 
_refine.pdbx_data_cutoff_low_absF                ? 
_refine.pdbx_data_cutoff_high_rms_absF           ? 
_refine.ls_d_res_low                             21.302 
_refine.ls_d_res_high                            1.703 
_refine.ls_percent_reflns_obs                    93.72 
_refine.ls_R_factor_obs                          0.1655 
_refine.ls_R_factor_all                          0.1655 
_refine.ls_R_factor_R_work                       0.1626 
_refine.ls_R_factor_R_free                       0.1919 
_refine.ls_R_factor_R_free_error                 ? 
_refine.ls_R_factor_R_free_error_details         ? 
_refine.ls_percent_reflns_R_free                 9.86 
_refine.ls_number_reflns_R_free                  50 
_refine.ls_number_parameters                     ? 
_refine.ls_number_restraints                     ? 
_refine.occupancy_min                            ? 
_refine.occupancy_max                            ? 
_refine.correlation_coeff_Fo_to_Fc               ? 
_refine.correlation_coeff_Fo_to_Fc_free          ? 
_refine.B_iso_mean                               ? 
_refine.aniso_B[1][1]                            1.4505 
_refine.aniso_B[2][2]                            0.3869 
_refine.aniso_B[3][3]                            -1.8374 
_refine.aniso_B[1][2]                            -0.2078 
_refine.aniso_B[1][3]                            0.5956 
_refine.aniso_B[2][3]                            -3.0866 
_refine.solvent_model_details                    'FLAT BULK SOLVENT MODEL' 
_refine.solvent_model_param_ksol                 0.600 
_refine.solvent_model_param_bsol                 30.131 
_refine.pdbx_solvent_vdw_probe_radii             1.30 
_refine.pdbx_solvent_ion_probe_radii             ? 
_refine.pdbx_solvent_shrinkage_radii             1.11 
_refine.pdbx_ls_cross_valid_method               ? 
_refine.details                                  ? 
_refine.pdbx_starting_model                      ? 
_refine.pdbx_method_to_determine_struct          'MOLECULAR REPLACEMENT' 
_refine.pdbx_isotropic_thermal_model             ? 
_refine.pdbx_stereochemistry_target_values       ML 
_refine.pdbx_stereochem_target_val_spec_case     ? 
_refine.pdbx_R_Free_selection_details            RANDOM 
_refine.pdbx_overall_ESU_R                       ? 
_refine.pdbx_overall_ESU_R_Free                  ? 
_refine.overall_SU_ML                            0.06 
_refine.pdbx_overall_phase_error                 26.18 
_refine.overall_SU_B                             ? 
_refine.overall_SU_R_Cruickshank_DPI             ? 
_refine.ls_redundancy_reflns_obs                 ? 
_refine.B_iso_min                                ? 
_refine.B_iso_max                                ? 
_refine.overall_SU_R_free                        ? 
_refine.ls_wR_factor_R_free                      ? 
_refine.ls_wR_factor_R_work                      ? 
_refine.overall_FOM_free_R_set                   ? 
_refine.overall_FOM_work_R_set                   ? 
_refine.pdbx_diffrn_id                           1 
_refine.pdbx_refine_id                           'X-RAY DIFFRACTION' 
_refine.pdbx_TLS_residual_ADP_flag               ? 
_refine.pdbx_overall_SU_R_free_Cruickshank_DPI   ? 
_refine.pdbx_overall_SU_R_Blow_DPI               ? 
_refine.pdbx_overall_SU_R_free_Blow_DPI          ? 
# 
_refine_hist.pdbx_refine_id                   'X-RAY DIFFRACTION' 
_refine_hist.cycle_id                         LAST 
_refine_hist.pdbx_number_atoms_protein        56 
_refine_hist.pdbx_number_atoms_nucleic_acid   0 
_refine_hist.pdbx_number_atoms_ligand         0 
_refine_hist.number_atoms_solvent             2 
_refine_hist.number_atoms_total               58 
_refine_hist.d_res_high                       1.703 
_refine_hist.d_res_low                        21.302 
# 
loop_
_refine_ls_restr.type 
_refine_ls_restr.dev_ideal 
_refine_ls_restr.dev_ideal_target 
_refine_ls_restr.weight 
_refine_ls_restr.number 
_refine_ls_restr.pdbx_restraint_function 
_refine_ls_restr.pdbx_refine_id 
f_bond_d           0.007  ? ? 61 ? 'X-RAY DIFFRACTION' 
f_angle_d          1.080  ? ? 85 ? 'X-RAY DIFFRACTION' 
f_dihedral_angle_d 18.346 ? ? 24 ? 'X-RAY DIFFRACTION' 
f_chiral_restr     0.061  ? ? 15 ? 'X-RAY DIFFRACTION' 
f_plane_restr      0.003  ? ? 9  ? 'X-RAY DIFFRACTION' 
# 
_refine_ls_shell.pdbx_total_number_of_bins_used   ? 
_refine_ls_shell.d_res_high                       1.703 
_refine_ls_shell.d_res_low                        ? 
_refine_ls_shell.number_reflns_R_work             457 
_refine_ls_shell.R_factor_R_work                  0.1626 
_refine_ls_shell.percent_reflns_obs               94.00 
_refine_ls_shell.R_factor_R_free                  0.1919 
_refine_ls_shell.R_factor_R_free_error            ? 
_refine_ls_shell.percent_reflns_R_free            ? 
_refine_ls_shell.number_reflns_R_free             50 
_refine_ls_shell.number_reflns_all                ? 
_refine_ls_shell.R_factor_all                     ? 
_refine_ls_shell.number_reflns_obs                ? 
_refine_ls_shell.redundancy_reflns_obs            ? 
_refine_ls_shell.pdbx_refine_id                   'X-RAY DIFFRACTION' 
# 
_struct.entry_id                  4RP6 
_struct.title                     'Structure of the amyloid-forming segment LTIITLE from p53 (residues 252-258)' 
_struct.pdbx_model_details        ? 
_struct.pdbx_CASP_flag            ? 
_struct.pdbx_model_type_details   ? 
# 
_struct_keywords.entry_id        4RP6 
_struct_keywords.pdbx_keywords   'PROTEIN FIBRIL' 
_struct_keywords.text            
;p53, amyloid, fibril, amyloid-like protofibril, p53 aggregates, polymer, transcription factor, oncogene, cancer, p53 mutant, PROTEIN FIBRIL
;
# 
loop_
_struct_asym.id 
_struct_asym.pdbx_blank_PDB_chainid_flag 
_struct_asym.pdbx_modified 
_struct_asym.entity_id 
_struct_asym.details 
A N N 1 ? 
B N N 2 ? 
# 
_struct_ref.id                         1 
_struct_ref.db_name                    UNP 
_struct_ref.db_code                    P53_HUMAN 
_struct_ref.pdbx_db_accession          P04637 
_struct_ref.entity_id                  1 
_struct_ref.pdbx_seq_one_letter_code   LTIITLE 
_struct_ref.pdbx_align_begin           252 
_struct_ref.pdbx_db_isoform            ? 
# 
_struct_ref_seq.align_id                      1 
_struct_ref_seq.ref_id                        1 
_struct_ref_seq.pdbx_PDB_id_code              4RP6 
_struct_ref_seq.pdbx_strand_id                Z 
_struct_ref_seq.seq_align_beg                 1 
_struct_ref_seq.pdbx_seq_align_beg_ins_code   ? 
_struct_ref_seq.seq_align_end                 7 
_struct_ref_seq.pdbx_seq_align_end_ins_code   ? 
_struct_ref_seq.pdbx_db_accession             P04637 
_struct_ref_seq.db_align_beg                  252 
_struct_ref_seq.pdbx_db_align_beg_ins_code    ? 
_struct_ref_seq.db_align_end                  258 
_struct_ref_seq.pdbx_db_align_end_ins_code    ? 
_struct_ref_seq.pdbx_auth_seq_align_beg       1 
_struct_ref_seq.pdbx_auth_seq_align_end       7 
# 
_pdbx_struct_assembly.id                   1 
_pdbx_struct_assembly.details              author_defined_assembly 
_pdbx_struct_assembly.method_details       ? 
_pdbx_struct_assembly.oligomeric_details   hexameric 
_pdbx_struct_assembly.oligomeric_count     6 
# 
_pdbx_struct_assembly_gen.assembly_id       1 
_pdbx_struct_assembly_gen.oper_expression   1,2,3,4,5,6 
_pdbx_struct_assembly_gen.asym_id_list      A,B 
# 
loop_
_pdbx_struct_oper_list.id 
_pdbx_struct_oper_list.type 
_pdbx_struct_oper_list.name 
_pdbx_struct_oper_list.symmetry_operation 
_pdbx_struct_oper_list.matrix[1][1] 
_pdbx_struct_oper_list.matrix[1][2] 
_pdbx_struct_oper_list.matrix[1][3] 
_pdbx_struct_oper_list.vector[1] 
_pdbx_struct_oper_list.matrix[2][1] 
_pdbx_struct_oper_list.matrix[2][2] 
_pdbx_struct_oper_list.matrix[2][3] 
_pdbx_struct_oper_list.vector[2] 
_pdbx_struct_oper_list.matrix[3][1] 
_pdbx_struct_oper_list.matrix[3][2] 
_pdbx_struct_oper_list.matrix[3][3] 
_pdbx_struct_oper_list.vector[3] 
1 'identity operation'         1_555 x,y,z     1.0000000000 0.0000000000 0.0000000000 0.0000000000  0.0000000000 1.0000000000 0.0000000000 0.0000000000   0.0000000000 0.0000000000 1.0000000000 0.0000000000 
2 'crystal symmetry operation' 1_655 x+1,y,z   1.0000000000 0.0000000000 0.0000000000 2.4426113162  0.0000000000 1.0000000000 0.0000000000 -3.9426884550  0.0000000000 0.0000000000 1.0000000000 1.2785064350 
3 'crystal symmetry operation' 1_755 x+2,y,z   1.0000000000 0.0000000000 0.0000000000 4.8852226324  0.0000000000 1.0000000000 0.0000000000 -7.8853769101  0.0000000000 0.0000000000 1.0000000000 2.5570128700 
4 'crystal symmetry operation' 1_565 x,y+1,z   1.0000000000 0.0000000000 0.0000000000 -9.3711719195 0.0000000000 1.0000000000 0.0000000000 -7.3907201691  0.0000000000 0.0000000000 1.0000000000 4.0364827806 
5 'crystal symmetry operation' 1_665 x+1,y+1,z 1.0000000000 0.0000000000 0.0000000000 -6.9285606033 0.0000000000 1.0000000000 0.0000000000 -11.3334086241 0.0000000000 0.0000000000 1.0000000000 5.3149892156 
6 'crystal symmetry operation' 1_765 x+2,y+1,z 1.0000000000 0.0000000000 0.0000000000 -4.4859492871 0.0000000000 1.0000000000 0.0000000000 -15.2760970792 0.0000000000 0.0000000000 1.0000000000 6.5934956506 
# 
_struct_biol.id        1 
_struct_biol.details   
;The biological unit is a pair of beta sheets with the side chains interdigitating between the sheets. One sheet is constructed from unit cell translations along the "a" direction (i.e. X+1,Y,Z   X+2,Y,Z   X+3,Y,Z, etc.). The other sheet is constructed from symmetry operators X,Y+1,Z; X+1,Y+1,Z; X+2,Y+1,Z, etc.).
;
# 
_pdbx_refine_tls.pdbx_refine_id   'X-RAY DIFFRACTION' 
_pdbx_refine_tls.id               1 
_pdbx_refine_tls.details          ? 
_pdbx_refine_tls.method           refined 
_pdbx_refine_tls.origin_x         0.1663 
_pdbx_refine_tls.origin_y         -0.2120 
_pdbx_refine_tls.origin_z         -0.5818 
_pdbx_refine_tls.T[1][1]          0.0635 
_pdbx_refine_tls.T[2][2]          0.0768 
_pdbx_refine_tls.T[3][3]          0.0777 
_pdbx_refine_tls.T[1][2]          0.0151 
_pdbx_refine_tls.T[1][3]          0.0033 
_pdbx_refine_tls.T[2][3]          0.0083 
_pdbx_refine_tls.L[1][1]          4.4071 
_pdbx_refine_tls.L[2][2]          2.6020 
_pdbx_refine_tls.L[3][3]          4.2100 
_pdbx_refine_tls.L[1][2]          1.3167 
_pdbx_refine_tls.L[1][3]          1.8356 
_pdbx_refine_tls.L[2][3]          0.6078 
_pdbx_refine_tls.S[1][1]          0.1494 
_pdbx_refine_tls.S[1][2]          0.1871 
_pdbx_refine_tls.S[1][3]          -0.1239 
_pdbx_refine_tls.S[2][1]          0.0299 
_pdbx_refine_tls.S[2][2]          0.0208 
_pdbx_refine_tls.S[2][3]          -0.1047 
_pdbx_refine_tls.S[3][1]          0.0493 
_pdbx_refine_tls.S[3][2]          -0.1920 
_pdbx_refine_tls.S[3][3]          -0.1133 
# 
_pdbx_refine_tls_group.pdbx_refine_id      'X-RAY DIFFRACTION' 
_pdbx_refine_tls_group.id                  1 
_pdbx_refine_tls_group.refine_tls_id       1 
_pdbx_refine_tls_group.beg_auth_asym_id    ? 
_pdbx_refine_tls_group.beg_auth_seq_id     ? 
_pdbx_refine_tls_group.beg_label_asym_id   ? 
_pdbx_refine_tls_group.beg_label_seq_id    ? 
_pdbx_refine_tls_group.end_auth_asym_id    ? 
_pdbx_refine_tls_group.end_auth_seq_id     ? 
_pdbx_refine_tls_group.end_label_asym_id   ? 
_pdbx_refine_tls_group.end_label_seq_id    ? 
_pdbx_refine_tls_group.selection           ? 
_pdbx_refine_tls_group.selection_details   all 
# 
loop_
_chem_comp_atom.comp_id 
_chem_comp_atom.atom_id 
_chem_comp_atom.type_symbol 
_chem_comp_atom.pdbx_aromatic_flag 
_chem_comp_atom.pdbx_stereo_config 
_chem_comp_atom.pdbx_ordinal 
GLU N    N N N 1  
GLU CA   C N S 2  
GLU C    C N N 3  
GLU O    O N N 4  
GLU CB   C N N 5  
GLU CG   C N N 6  
GLU CD   C N N 7  
GLU OE1  O N N 8  
GLU OE2  O N N 9  
GLU OXT  O N N 10 
GLU H    H N N 11 
GLU H2   H N N 12 
GLU HA   H N N 13 
GLU HB2  H N N 14 
GLU HB3  H N N 15 
GLU HG2  H N N 16 
GLU HG3  H N N 17 
GLU HE2  H N N 18 
GLU HXT  H N N 19 
HOH O    O N N 20 
HOH H1   H N N 21 
HOH H2   H N N 22 
ILE N    N N N 23 
ILE CA   C N S 24 
ILE C    C N N 25 
ILE O    O N N 26 
ILE CB   C N S 27 
ILE CG1  C N N 28 
ILE CG2  C N N 29 
ILE CD1  C N N 30 
ILE OXT  O N N 31 
ILE H    H N N 32 
ILE H2   H N N 33 
ILE HA   H N N 34 
ILE HB   H N N 35 
ILE HG12 H N N 36 
ILE HG13 H N N 37 
ILE HG21 H N N 38 
ILE HG22 H N N 39 
ILE HG23 H N N 40 
ILE HD11 H N N 41 
ILE HD12 H N N 42 
ILE HD13 H N N 43 
ILE HXT  H N N 44 
LEU N    N N N 45 
LEU CA   C N S 46 
LEU C    C N N 47 
LEU O    O N N 48 
LEU CB   C N N 49 
LEU CG   C N N 50 
LEU CD1  C N N 51 
LEU CD2  C N N 52 
LEU OXT  O N N 53 
LEU H    H N N 54 
LEU H2   H N N 55 
LEU HA   H N N 56 
LEU HB2  H N N 57 
LEU HB3  H N N 58 
LEU HG   H N N 59 
LEU HD11 H N N 60 
LEU HD12 H N N 61 
LEU HD13 H N N 62 
LEU HD21 H N N 63 
LEU HD22 H N N 64 
LEU HD23 H N N 65 
LEU HXT  H N N 66 
THR N    N N N 67 
THR CA   C N S 68 
THR C    C N N 69 
THR O    O N N 70 
THR CB   C N R 71 
THR OG1  O N N 72 
THR CG2  C N N 73 
THR OXT  O N N 74 
THR H    H N N 75 
THR H2   H N N 76 
THR HA   H N N 77 
THR HB   H N N 78 
THR HG1  H N N 79 
THR HG21 H N N 80 
THR HG22 H N N 81 
THR HG23 H N N 82 
THR HXT  H N N 83 
# 
loop_
_chem_comp_bond.comp_id 
_chem_comp_bond.atom_id_1 
_chem_comp_bond.atom_id_2 
_chem_comp_bond.value_order 
_chem_comp_bond.pdbx_aromatic_flag 
_chem_comp_bond.pdbx_stereo_config 
_chem_comp_bond.pdbx_ordinal 
GLU N   CA   sing N N 1  
GLU N   H    sing N N 2  
GLU N   H2   sing N N 3  
GLU CA  C    sing N N 4  
GLU CA  CB   sing N N 5  
GLU CA  HA   sing N N 6  
GLU C   O    doub N N 7  
GLU C   OXT  sing N N 8  
GLU CB  CG   sing N N 9  
GLU CB  HB2  sing N N 10 
GLU CB  HB3  sing N N 11 
GLU CG  CD   sing N N 12 
GLU CG  HG2  sing N N 13 
GLU CG  HG3  sing N N 14 
GLU CD  OE1  doub N N 15 
GLU CD  OE2  sing N N 16 
GLU OE2 HE2  sing N N 17 
GLU OXT HXT  sing N N 18 
HOH O   H1   sing N N 19 
HOH O   H2   sing N N 20 
ILE N   CA   sing N N 21 
ILE N   H    sing N N 22 
ILE N   H2   sing N N 23 
ILE CA  C    sing N N 24 
ILE CA  CB   sing N N 25 
ILE CA  HA   sing N N 26 
ILE C   O    doub N N 27 
ILE C   OXT  sing N N 28 
ILE CB  CG1  sing N N 29 
ILE CB  CG2  sing N N 30 
ILE CB  HB   sing N N 31 
ILE CG1 CD1  sing N N 32 
ILE CG1 HG12 sing N N 33 
ILE CG1 HG13 sing N N 34 
ILE CG2 HG21 sing N N 35 
ILE CG2 HG22 sing N N 36 
ILE CG2 HG23 sing N N 37 
ILE CD1 HD11 sing N N 38 
ILE CD1 HD12 sing N N 39 
ILE CD1 HD13 sing N N 40 
ILE OXT HXT  sing N N 41 
LEU N   CA   sing N N 42 
LEU N   H    sing N N 43 
LEU N   H2   sing N N 44 
LEU CA  C    sing N N 45 
LEU CA  CB   sing N N 46 
LEU CA  HA   sing N N 47 
LEU C   O    doub N N 48 
LEU C   OXT  sing N N 49 
LEU CB  CG   sing N N 50 
LEU CB  HB2  sing N N 51 
LEU CB  HB3  sing N N 52 
LEU CG  CD1  sing N N 53 
LEU CG  CD2  sing N N 54 
LEU CG  HG   sing N N 55 
LEU CD1 HD11 sing N N 56 
LEU CD1 HD12 sing N N 57 
LEU CD1 HD13 sing N N 58 
LEU CD2 HD21 sing N N 59 
LEU CD2 HD22 sing N N 60 
LEU CD2 HD23 sing N N 61 
LEU OXT HXT  sing N N 62 
THR N   CA   sing N N 63 
THR N   H    sing N N 64 
THR N   H2   sing N N 65 
THR CA  C    sing N N 66 
THR CA  CB   sing N N 67 
THR CA  HA   sing N N 68 
THR C   O    doub N N 69 
THR C   OXT  sing N N 70 
THR CB  OG1  sing N N 71 
THR CB  CG2  sing N N 72 
THR CB  HB   sing N N 73 
THR OG1 HG1  sing N N 74 
THR CG2 HG21 sing N N 75 
THR CG2 HG22 sing N N 76 
THR CG2 HG23 sing N N 77 
THR OXT HXT  sing N N 78 
# 
_atom_sites.entry_id                    4RP6 
_atom_sites.fract_transf_matrix[1][1]   0.13961253 
_atom_sites.fract_transf_matrix[1][2]   -0.15271270 
_atom_sites.fract_transf_matrix[1][3]   0.04449118 
_atom_sites.fract_transf_matrix[2][1]   -0.06855835 
_atom_sites.fract_transf_matrix[2][2]   -0.03384716 
_atom_sites.fract_transf_matrix[2][3]   0.02660340 
_atom_sites.fract_transf_matrix[3][1]   -0.00509854 
_atom_sites.fract_transf_matrix[3][2]   -0.01722298 
_atom_sites.fract_transf_matrix[3][3]   -0.04337180 
_atom_sites.fract_transf_vector[1]      -0.280121 
_atom_sites.fract_transf_vector[2]      0.530631 
_atom_sites.fract_transf_vector[3]      0.395509 
# 
loop_
_atom_type.symbol 
C 
N 
O 
# 
loop_
_atom_site.group_PDB 
_atom_site.id 
_atom_site.type_symbol 
_atom_site.label_atom_id 
_atom_site.label_alt_id 
_atom_site.label_comp_id 
_atom_site.label_asym_id 
_atom_site.label_entity_id 
_atom_site.label_seq_id 
_atom_site.pdbx_PDB_ins_code 
_atom_site.Cartn_x 
_atom_site.Cartn_y 
_atom_site.Cartn_z 
_atom_site.occupancy 
_atom_site.B_iso_or_equiv 
_atom_site.pdbx_formal_charge 
_atom_site.auth_seq_id 
_atom_site.auth_comp_id 
_atom_site.auth_asym_id 
_atom_site.auth_atom_id 
_atom_site.pdbx_PDB_model_num 
ATOM   1  N N   . LEU A 1 1 ? 6.246  6.458  8.181  1.00 15.58 ? 1   LEU Z N   1 
ATOM   2  C CA  . LEU A 1 1 ? 6.271  6.242  6.734  1.00 13.08 ? 1   LEU Z CA  1 
ATOM   3  C C   . LEU A 1 1 ? 5.632  4.900  6.391  1.00 12.34 ? 1   LEU Z C   1 
ATOM   4  O O   . LEU A 1 1 ? 6.161  3.844  6.728  1.00 13.64 ? 1   LEU Z O   1 
ATOM   5  C CB  . LEU A 1 1 ? 7.705  6.312  6.202  1.00 12.49 ? 1   LEU Z CB  1 
ATOM   6  C CG  . LEU A 1 1 ? 7.941  6.555  4.711  1.00 16.04 ? 1   LEU Z CG  1 
ATOM   7  C CD1 . LEU A 1 1 ? 9.400  6.945  4.503  1.00 16.64 ? 1   LEU Z CD1 1 
ATOM   8  C CD2 . LEU A 1 1 ? 7.591  5.330  3.873  1.00 13.96 ? 1   LEU Z CD2 1 
ATOM   9  N N   . THR A 1 2 ? 4.500  4.955  5.705  1.00 9.66  ? 2   THR Z N   1 
ATOM   10 C CA  . THR A 1 2 ? 3.706  3.764  5.441  1.00 9.85  ? 2   THR Z CA  1 
ATOM   11 C C   . THR A 1 2 ? 3.273  3.789  3.987  1.00 9.29  ? 2   THR Z C   1 
ATOM   12 O O   . THR A 1 2 ? 2.738  4.790  3.509  1.00 10.23 ? 2   THR Z O   1 
ATOM   13 C CB  . THR A 1 2 ? 2.441  3.710  6.352  1.00 12.90 ? 2   THR Z CB  1 
ATOM   14 O OG1 . THR A 1 2 ? 2.837  3.673  7.732  1.00 13.73 ? 2   THR Z OG1 1 
ATOM   15 C CG2 . THR A 1 2 ? 1.598  2.480  6.044  1.00 11.80 ? 2   THR Z CG2 1 
ATOM   16 N N   . ILE A 1 3 ? 3.538  2.695  3.280  1.00 6.76  ? 3   ILE Z N   1 
ATOM   17 C CA  . ILE A 1 3 ? 3.116  2.539  1.894  1.00 7.02  ? 3   ILE Z CA  1 
ATOM   18 C C   . ILE A 1 3 ? 2.334  1.226  1.753  1.00 6.68  ? 3   ILE Z C   1 
ATOM   19 O O   . ILE A 1 3 ? 2.812  0.155  2.151  1.00 7.92  ? 3   ILE Z O   1 
ATOM   20 C CB  . ILE A 1 3 ? 4.338  2.531  0.957  1.00 5.88  ? 3   ILE Z CB  1 
ATOM   21 C CG1 . ILE A 1 3 ? 5.147  3.816  1.139  1.00 7.70  ? 3   ILE Z CG1 1 
ATOM   22 C CG2 . ILE A 1 3 ? 3.906  2.303  -0.499 1.00 8.38  ? 3   ILE Z CG2 1 
ATOM   23 C CD1 . ILE A 1 3 ? 6.532  3.764  0.512  1.00 10.12 ? 3   ILE Z CD1 1 
ATOM   24 N N   . ILE A 1 4 ? 1.125  1.312  1.201  1.00 8.44  ? 4   ILE Z N   1 
ATOM   25 C CA  . ILE A 1 4 ? 0.270  0.138  1.019  1.00 7.11  ? 4   ILE Z CA  1 
ATOM   26 C C   . ILE A 1 4 ? -0.305 0.150  -0.389 1.00 9.16  ? 4   ILE Z C   1 
ATOM   27 O O   . ILE A 1 4 ? -0.852 1.171  -0.822 1.00 8.49  ? 4   ILE Z O   1 
ATOM   28 C CB  . ILE A 1 4 ? -0.895 0.141  2.034  1.00 8.14  ? 4   ILE Z CB  1 
ATOM   29 C CG1 . ILE A 1 4 ? -0.364 0.038  3.470  1.00 11.61 ? 4   ILE Z CG1 1 
ATOM   30 C CG2 . ILE A 1 4 ? -1.885 -0.988 1.748  1.00 8.29  ? 4   ILE Z CG2 1 
ATOM   31 C CD1 . ILE A 1 4 ? -1.385 0.464  4.517  1.00 13.32 ? 4   ILE Z CD1 1 
ATOM   32 N N   . THR A 1 5 ? -0.192 -0.962 -1.112 1.00 6.75  ? 5   THR Z N   1 
ATOM   33 C CA  . THR A 1 5 ? -0.813 -1.056 -2.437 1.00 8.77  ? 5   THR Z CA  1 
ATOM   34 C C   . THR A 1 5 ? -1.649 -2.334 -2.532 1.00 10.69 ? 5   THR Z C   1 
ATOM   35 O O   . THR A 1 5 ? -1.159 -3.416 -2.197 1.00 11.07 ? 5   THR Z O   1 
ATOM   36 C CB  . THR A 1 5 ? 0.237  -1.034 -3.584 1.00 10.48 ? 5   THR Z CB  1 
ATOM   37 O OG1 . THR A 1 5 ? 0.980  -2.254 -3.589 1.00 13.87 ? 5   THR Z OG1 1 
ATOM   38 C CG2 . THR A 1 5 ? 1.198  0.139  -3.455 1.00 10.34 ? 5   THR Z CG2 1 
ATOM   39 N N   . LEU A 1 6 ? -2.908 -2.197 -2.956 1.00 12.10 ? 6   LEU Z N   1 
ATOM   40 C CA  A LEU A 1 6 ? -3.802 -3.337 -3.139 0.50 14.01 ? 6   LEU Z CA  1 
ATOM   41 C CA  B LEU A 1 6 ? -3.802 -3.337 -3.139 0.50 14.11 ? 6   LEU Z CA  1 
ATOM   42 C C   . LEU A 1 6 ? -4.232 -3.453 -4.591 1.00 14.83 ? 6   LEU Z C   1 
ATOM   43 O O   . LEU A 1 6 ? -4.486 -2.443 -5.251 1.00 14.90 ? 6   LEU Z O   1 
ATOM   44 C CB  A LEU A 1 6 ? -5.068 -3.181 -2.293 0.50 14.80 ? 6   LEU Z CB  1 
ATOM   45 C CB  B LEU A 1 6 ? -5.068 -3.181 -2.293 0.50 14.85 ? 6   LEU Z CB  1 
ATOM   46 C CG  A LEU A 1 6 ? -5.126 -3.810 -0.902 0.50 18.60 ? 6   LEU Z CG  1 
ATOM   47 C CG  B LEU A 1 6 ? -5.126 -3.810 -0.902 0.50 18.60 ? 6   LEU Z CG  1 
ATOM   48 C CD1 . LEU A 1 6 ? -4.150 -3.117 0.023  1.00 16.40 ? 6   LEU Z CD1 1 
ATOM   49 C CD2 . LEU A 1 6 ? -6.545 -3.751 -0.346 1.00 17.47 ? 6   LEU Z CD2 1 
ATOM   50 N N   . GLU A 1 7 ? -4.331 -4.682 -5.076 1.00 16.19 ? 7   GLU Z N   1 
ATOM   51 C CA  . GLU A 1 7 ? -4.946 -4.952 -6.373 1.00 21.28 ? 7   GLU Z CA  1 
ATOM   52 C C   . GLU A 1 7 ? -5.572 -6.361 -6.372 1.00 26.95 ? 7   GLU Z C   1 
ATOM   53 O O   . GLU A 1 7 ? -5.349 -7.152 -5.440 1.00 23.82 ? 7   GLU Z O   1 
ATOM   54 C CB  . GLU A 1 7 ? -3.949 -4.771 -7.526 1.00 21.58 ? 7   GLU Z CB  1 
ATOM   55 C CG  . GLU A 1 7 ? -2.765 -5.686 -7.471 1.00 25.98 ? 7   GLU Z CG  1 
ATOM   56 C CD  . GLU A 1 7 ? -1.780 -5.431 -8.593 1.00 30.97 ? 7   GLU Z CD  1 
ATOM   57 O OE1 . GLU A 1 7 ? -2.154 -5.627 -9.767 1.00 30.45 ? 7   GLU Z OE1 1 
ATOM   58 O OE2 . GLU A 1 7 ? -0.630 -5.037 -8.301 1.00 35.70 ? 7   GLU Z OE2 1 
ATOM   59 O OXT . GLU A 1 7 ? -6.324 -6.752 -7.272 1.00 28.69 ? 7   GLU Z OXT 1 
HETATM 60 O O   . HOH B 2 . ? -2.682 -0.392 -6.312 1.00 9.77  ? 101 HOH Z O   1 
HETATM 61 O O   . HOH B 2 . ? 2.913  -2.135 -5.713 1.00 31.83 ? 102 HOH Z O   1 
# 
loop_
_atom_site_anisotrop.id 
_atom_site_anisotrop.type_symbol 
_atom_site_anisotrop.pdbx_label_atom_id 
_atom_site_anisotrop.pdbx_label_alt_id 
_atom_site_anisotrop.pdbx_label_comp_id 
_atom_site_anisotrop.pdbx_label_asym_id 
_atom_site_anisotrop.pdbx_label_seq_id 
_atom_site_anisotrop.pdbx_PDB_ins_code 
_atom_site_anisotrop.U[1][1] 
_atom_site_anisotrop.U[2][2] 
_atom_site_anisotrop.U[3][3] 
_atom_site_anisotrop.U[1][2] 
_atom_site_anisotrop.U[1][3] 
_atom_site_anisotrop.U[2][3] 
_atom_site_anisotrop.pdbx_auth_seq_id 
_atom_site_anisotrop.pdbx_auth_comp_id 
_atom_site_anisotrop.pdbx_auth_asym_id 
_atom_site_anisotrop.pdbx_auth_atom_id 
1  N N   . LEU A 1 ? 0.2371 0.1454 0.2094 -0.0167 -0.0187 -0.0102 1   LEU Z N   
2  C CA  . LEU A 1 ? 0.1974 0.1126 0.1871 -0.0111 -0.0130 -0.0033 1   LEU Z CA  
3  C C   . LEU A 1 ? 0.1814 0.1128 0.1747 -0.0068 -0.0121 0.0014  1   LEU Z C   
4  O O   . LEU A 1 ? 0.1937 0.1312 0.1931 -0.0106 -0.0210 0.0043  1   LEU Z O   
5  C CB  . LEU A 1 ? 0.1819 0.1021 0.1906 -0.0185 -0.0171 -0.0003 1   LEU Z CB  
6  C CG  . LEU A 1 ? 0.2197 0.1482 0.2415 -0.0177 -0.0094 0.0050  1   LEU Z CG  
7  C CD1 . LEU A 1 ? 0.2189 0.1563 0.2573 -0.0296 -0.0124 0.0058  1   LEU Z CD1 
8  C CD2 . LEU A 1 ? 0.1835 0.1319 0.2148 -0.0102 -0.0058 0.0064  1   LEU Z CD2 
9  N N   . THR A 2 ? 0.1469 0.0827 0.1375 0.0012  -0.0038 0.0023  2   THR Z N   
10 C CA  . THR A 2 ? 0.1444 0.0938 0.1359 0.0029  -0.0035 0.0059  2   THR Z CA  
11 C C   . THR A 2 ? 0.1320 0.0889 0.1321 0.0099  0.0030  0.0083  2   THR Z C   
12 O O   . THR A 2 ? 0.1462 0.0992 0.1433 0.0160  0.0085  0.0085  2   THR Z O   
13 C CB  . THR A 2 ? 0.1860 0.1428 0.1613 0.0022  -0.0001 0.0035  2   THR Z CB  
14 O OG1 . THR A 2 ? 0.2025 0.1552 0.1639 -0.0071 -0.0062 0.0015  2   THR Z OG1 
15 C CG2 . THR A 2 ? 0.1668 0.1380 0.1434 -0.0004 -0.0009 0.0092  2   THR Z CG2 
16 N N   . ILE A 3 ? 0.0936 0.0595 0.1039 0.0093  0.0003  0.0096  3   ILE Z N   
17 C CA  . ILE A 3 ? 0.0918 0.0684 0.1066 0.0139  0.0056  0.0105  3   ILE Z CA  
18 C C   . ILE A 3 ? 0.0849 0.0690 0.1001 0.0131  0.0018  0.0100  3   ILE Z C   
19 O O   . ILE A 3 ? 0.1003 0.0795 0.1214 0.0096  -0.0071 0.0084  3   ILE Z O   
20 C CB  . ILE A 3 ? 0.0708 0.0546 0.0981 0.0127  0.0073  0.0080  3   ILE Z CB  
21 C CG1 . ILE A 3 ? 0.0967 0.0724 0.1235 0.0082  0.0096  0.0107  3   ILE Z CG1 
22 C CG2 . ILE A 3 ? 0.0977 0.0962 0.1244 0.0151  0.0130  0.0076  3   ILE Z CG2 
23 C CD1 . ILE A 3 ? 0.1173 0.1078 0.1595 0.0028  0.0115  0.0077  3   ILE Z CD1 
24 N N   . ILE A 4 ? 0.1054 0.0998 0.1156 0.0159  0.0059  0.0119  4   ILE Z N   
25 C CA  . ILE A 4 ? 0.0858 0.0884 0.0960 0.0120  0.0017  0.0120  4   ILE Z CA  
26 C C   . ILE A 4 ? 0.1069 0.1231 0.1181 0.0159  0.0050  0.0111  4   ILE Z C   
27 O O   . ILE A 4 ? 0.0972 0.1204 0.1049 0.0216  0.0101  0.0149  4   ILE Z O   
28 C CB  . ILE A 4 ? 0.0988 0.1095 0.1009 0.0071  0.0025  0.0158  4   ILE Z CB  
29 C CG1 . ILE A 4 ? 0.1489 0.1486 0.1438 -0.0002 -0.0018 0.0175  4   ILE Z CG1 
30 C CG2 . ILE A 4 ? 0.0967 0.1190 0.0992 -0.0009 -0.0020 0.0179  4   ILE Z CG2 
31 C CD1 . ILE A 4 ? 0.1691 0.1840 0.1531 -0.0043 0.0038  0.0179  4   ILE Z CD1 
32 N N   . THR A 5 ? 0.0744 0.0926 0.0896 0.0131  0.0003  0.0054  5   THR Z N   
33 C CA  . THR A 5 ? 0.0956 0.1295 0.1080 0.0144  0.0022  0.0032  5   THR Z CA  
34 C C   . THR A 5 ? 0.1191 0.1552 0.1320 0.0070  -0.0060 0.0000  5   THR Z C   
35 O O   . THR A 5 ? 0.1274 0.1476 0.1455 0.0029  -0.0145 -0.0057 5   THR Z O   
36 C CB  . THR A 5 ? 0.1151 0.1543 0.1290 0.0170  0.0061  -0.0049 5   THR Z CB  
37 O OG1 . THR A 5 ? 0.1571 0.1891 0.1810 0.0168  0.0000  -0.0179 5   THR Z OG1 
38 C CG2 . THR A 5 ? 0.1142 0.1504 0.1282 0.0191  0.0128  0.0000  5   THR Z CG2 
39 N N   . LEU A 6 ? 0.1321 0.1863 0.1413 0.0049  -0.0059 0.0041  6   LEU Z N   
40 C CA  A LEU A 6 ? 0.1542 0.2139 0.1640 -0.0056 -0.0142 0.0019  6   LEU Z CA  
41 C CA  B LEU A 6 ? 0.1555 0.2152 0.1653 -0.0056 -0.0142 0.0019  6   LEU Z CA  
42 C C   . LEU A 6 ? 0.1607 0.2366 0.1660 -0.0049 -0.0155 -0.0038 6   LEU Z C   
43 O O   . LEU A 6 ? 0.1578 0.2496 0.1588 0.0022  -0.0103 0.0012  6   LEU Z O   
44 C CB  A LEU A 6 ? 0.1579 0.2353 0.1693 -0.0124 -0.0137 0.0112  6   LEU Z CB  
45 C CB  B LEU A 6 ? 0.1585 0.2359 0.1699 -0.0124 -0.0137 0.0112  6   LEU Z CB  
46 C CG  A LEU A 6 ? 0.2096 0.2768 0.2201 -0.0249 -0.0176 0.0167  6   LEU Z CG  
47 C CG  B LEU A 6 ? 0.2096 0.2768 0.2201 -0.0249 -0.0176 0.0167  6   LEU Z CG  
48 C CD1 . LEU A 6 ? 0.1879 0.2397 0.1957 -0.0180 -0.0127 0.0183  6   LEU Z CD1 
49 C CD2 . LEU A 6 ? 0.1841 0.2830 0.1967 -0.0348 -0.0149 0.0233  6   LEU Z CD2 
50 N N   . GLU A 7 ? 0.1803 0.2497 0.1853 -0.0131 -0.0245 -0.0140 7   GLU Z N   
51 C CA  . GLU A 7 ? 0.2412 0.3282 0.2393 -0.0162 -0.0279 -0.0208 7   GLU Z CA  
52 C C   . GLU A 7 ? 0.3156 0.3929 0.3156 -0.0309 -0.0414 -0.0280 7   GLU Z C   
53 O O   . GLU A 7 ? 0.2823 0.3345 0.2882 -0.0379 -0.0488 -0.0270 7   GLU Z O   
54 C CB  . GLU A 7 ? 0.2467 0.3365 0.2366 -0.0088 -0.0225 -0.0333 7   GLU Z CB  
55 C CG  . GLU A 7 ? 0.3076 0.3753 0.3043 -0.0058 -0.0247 -0.0511 7   GLU Z CG  
56 C CD  . GLU A 7 ? 0.3680 0.4505 0.3584 0.0008  -0.0157 -0.0656 7   GLU Z CD  
57 O OE1 . GLU A 7 ? 0.3598 0.4605 0.3366 -0.0031 -0.0160 -0.0751 7   GLU Z OE1 
58 O OE2 . GLU A 7 ? 0.4261 0.5060 0.4242 0.0082  -0.0080 -0.0679 7   GLU Z OE2 
59 O OXT . GLU A 7 ? 0.3344 0.4265 0.3291 -0.0380 -0.0474 -0.0335 7   GLU Z OXT 
60 O O   . HOH B . ? 0.0986 0.1858 0.0869 0.0156  0.0036  0.0073  101 HOH Z O   
61 O O   . HOH B . ? 0.3708 0.4378 0.4008 0.0214  0.0147  -0.0412 102 HOH Z O   
# 
